data_6TTW
#
_entry.id   6TTW
#
_cell.length_a   63.880
_cell.length_b   63.880
_cell.length_c   225.630
_cell.angle_alpha   90.000
_cell.angle_beta   90.000
_cell.angle_gamma   120.000
#
_symmetry.space_group_name_H-M   'P 32 2 1'
#
loop_
_entity.id
_entity.type
_entity.pdbx_description
1 polymer 'N6-adenosine-methyltransferase catalytic subunit'
2 polymer 'N6-adenosine-methyltransferase non-catalytic subunit'
3 non-polymer (2~{S},3~{S},4~{R},5~{R})-5-(6-aminopurin-9-yl)-3,4-bis(oxidanyl)-~{N}-piperidin-4-yl-oxolane-2-carboxamide
4 non-polymer 'ACETATE ION'
5 water water
#
loop_
_entity_poly.entity_id
_entity_poly.type
_entity_poly.pdbx_seq_one_letter_code
_entity_poly.pdbx_strand_id
1 'polypeptide(L)'
;MSDTWSSIQAHKKQLDSLRERLQRRRKQDSGHLDLRNPEAALSPTFRSDSPVPTAPTSGGPKPSTASAVPELATDPELEK
KLLHHLSDLALTLPTDAVSICLAISTPDAPATQDGVESLLQKFAAQELIEVKRGLLQDDAHPTLVTYADHSKLSAMMGAV
AEKKGPGEVAGTVTGQKRRAEQDSTTVAAFASSLVSGLNSSASEPAKEPAKKSRKHAASDVDLEIESLLNQQSTKEQQSK
KVSQEILELLNTTTAKEQSIVEKFRSRGRAQVQEFCDYGTKEECMKASDADRPCRKLHFRRIINKHTDESLGDCSFLNTC
FHMDTCKYVHYEIDACMDSEAPGSKDHTPSQELALTQSVGGDSSADRLFPPQWICCDIRYLDVSILGKFAVVMADPPWDI
HMELPYGTLTDDEMRRLNIPVLQDDGFLFLWVTGRAMELGRECLNLWGYERVDEIIWVKTNQLQRIIRTGRTGHWLNHGK
EHCLVGVKGNPQGFNQGLDCDVIVAEVRSTSHKPDEIYGMIERLSPGTRKIELFGRPHNVQPNWITLGNQLDGIHLLDPD
VVARFKQRYPDGIISKPKNL
;
A
2 'polypeptide(L)'
;MDSRLQEIRERQKLRRQLLAQQLGAESADSIGAVLNSKDEQREIAETRETCRASYDTSAPNAKRKYLDEGETDEDKMEEY
KDELEMQQDEENLPYEEEIYKDSSTFLKGTQSLNPHNDYCQHFVDTGHRPQNFIRDVGLADRFEEYPKLRELIRLKDELI
AKSNTPPMYLQADIEAFDIRELTPKFDVILLEPPLEEYYRETGITANEKCWTWDDIMKLEIDEIAAPRSFIFLWCGSGEG
LDLGRVCLRKWGYRRCEDICWIKTNKNNPGKTKTLDPKAVFQRTKEHCLMGIKGTVKRSTDGDFIHANVDIDLIITEEPE
IGNIEKPVEIFHIIEHFCLGRRRLHLFGRDSTIRPGWLTVGPTLTNSNYNAETYASYFSAPNSYLTGCTEEIERLRPKSP
PPKSKSDRGGGAPRGGGRGGTSAGRGRERNRSNFRGERGGFRGGRGGAHRGGFPPR
;
B
#
loop_
_chem_comp.id
_chem_comp.type
_chem_comp.name
_chem_comp.formula
ACT non-polymer 'ACETATE ION' 'C2 H3 O2 -1'
NWZ non-polymer (2~{S},3~{S},4~{R},5~{R})-5-(6-aminopurin-9-yl)-3,4-bis(oxidanyl)-~{N}-piperidin-4-yl-oxolane-2-carboxamide 'C15 H21 N7 O4'
#
# COMPACT_ATOMS: atom_id res chain seq x y z
N LEU A 368 9.27 15.35 -28.97
CA LEU A 368 8.38 16.27 -29.67
C LEU A 368 6.94 16.01 -29.33
N PHE A 369 6.30 17.10 -28.94
CA PHE A 369 4.98 17.20 -28.35
C PHE A 369 3.98 16.07 -28.68
N PRO A 370 3.73 15.71 -29.95
CA PRO A 370 2.58 14.83 -30.22
C PRO A 370 2.87 13.39 -29.88
N PRO A 371 1.83 12.58 -29.60
CA PRO A 371 2.03 11.18 -29.17
C PRO A 371 2.92 10.41 -30.13
N GLN A 372 3.75 9.53 -29.60
CA GLN A 372 4.57 8.62 -30.40
C GLN A 372 4.55 7.25 -29.75
N TRP A 373 4.79 6.21 -30.55
CA TRP A 373 4.67 4.86 -30.02
C TRP A 373 5.48 3.89 -30.87
N ILE A 374 5.77 2.73 -30.28
CA ILE A 374 6.50 1.66 -30.95
C ILE A 374 5.83 0.34 -30.60
N CYS A 375 5.24 -0.32 -31.59
CA CYS A 375 4.78 -1.69 -31.40
C CYS A 375 6.02 -2.58 -31.30
N CYS A 376 6.20 -3.27 -30.19
CA CYS A 376 7.45 -4.00 -30.02
C CYS A 376 7.27 -4.98 -28.88
N ASP A 377 8.21 -5.90 -28.80
CA ASP A 377 8.35 -6.75 -27.65
C ASP A 377 9.32 -6.05 -26.72
N ILE A 378 8.84 -5.67 -25.54
CA ILE A 378 9.64 -4.82 -24.68
C ILE A 378 10.85 -5.58 -24.17
N ARG A 379 10.81 -6.92 -24.19
CA ARG A 379 11.97 -7.72 -23.80
C ARG A 379 13.12 -7.56 -24.77
N TYR A 380 12.85 -7.29 -26.05
CA TYR A 380 13.87 -7.35 -27.08
C TYR A 380 14.21 -6.00 -27.69
N LEU A 381 13.43 -4.96 -27.43
CA LEU A 381 13.76 -3.66 -28.00
C LEU A 381 15.02 -3.12 -27.36
N ASP A 382 15.90 -2.56 -28.19
CA ASP A 382 17.05 -1.82 -27.69
C ASP A 382 16.57 -0.41 -27.33
N VAL A 383 16.29 -0.20 -26.05
CA VAL A 383 15.70 1.06 -25.61
C VAL A 383 16.72 2.18 -25.49
N SER A 384 18.01 1.88 -25.69
CA SER A 384 19.03 2.93 -25.67
C SER A 384 18.83 3.96 -26.78
N ILE A 385 18.09 3.59 -27.84
CA ILE A 385 17.82 4.53 -28.91
C ILE A 385 16.81 5.61 -28.52
N LEU A 386 16.18 5.48 -27.36
CA LEU A 386 15.07 6.37 -27.03
C LEU A 386 15.50 7.62 -26.29
N GLY A 387 16.71 7.65 -25.72
CA GLY A 387 17.13 8.82 -24.96
C GLY A 387 16.75 8.71 -23.50
N LYS A 388 16.72 9.86 -22.81
CA LYS A 388 16.45 9.95 -21.39
C LYS A 388 15.11 10.63 -21.14
N PHE A 389 14.42 10.22 -20.07
CA PHE A 389 13.06 10.67 -19.79
C PHE A 389 12.94 11.20 -18.37
N ALA A 390 12.12 12.22 -18.20
CA ALA A 390 11.86 12.73 -16.86
C ALA A 390 10.99 11.78 -16.05
N VAL A 391 10.12 11.01 -16.72
CA VAL A 391 9.18 10.12 -16.06
C VAL A 391 9.09 8.83 -16.83
N VAL A 392 9.14 7.70 -16.12
CA VAL A 392 8.82 6.38 -16.67
C VAL A 392 7.56 5.90 -15.98
N MET A 393 6.64 5.29 -16.75
CA MET A 393 5.47 4.64 -16.19
C MET A 393 5.28 3.26 -16.82
N ALA A 394 4.86 2.29 -16.00
CA ALA A 394 4.63 0.94 -16.47
C ALA A 394 3.45 0.35 -15.73
N ASP A 395 2.60 -0.35 -16.48
CA ASP A 395 1.55 -1.20 -15.94
C ASP A 395 1.88 -2.59 -16.47
N PRO A 396 2.87 -3.26 -15.88
CA PRO A 396 3.45 -4.46 -16.51
C PRO A 396 2.57 -5.69 -16.32
N PRO A 397 2.76 -6.72 -17.15
CA PRO A 397 2.02 -7.98 -16.93
C PRO A 397 2.78 -8.92 -15.99
N TRP A 398 2.79 -8.56 -14.70
CA TRP A 398 3.31 -9.43 -13.66
C TRP A 398 2.71 -10.83 -13.79
N ASP A 399 3.51 -11.85 -13.51
CA ASP A 399 3.01 -13.22 -13.44
C ASP A 399 2.56 -13.52 -12.01
N ILE A 400 1.37 -13.06 -11.68
CA ILE A 400 0.83 -13.23 -10.32
C ILE A 400 0.06 -14.54 -10.24
N GLY A 407 -0.96 -12.77 -21.63
CA GLY A 407 0.49 -12.88 -21.80
C GLY A 407 1.32 -12.12 -20.77
N THR A 408 2.09 -12.84 -19.96
CA THR A 408 2.83 -12.27 -18.84
C THR A 408 4.34 -12.41 -19.04
N LEU A 409 5.07 -11.73 -18.16
CA LEU A 409 6.51 -11.79 -18.09
C LEU A 409 6.93 -12.46 -16.79
N THR A 410 7.95 -13.32 -16.86
CA THR A 410 8.43 -13.94 -15.64
C THR A 410 9.13 -12.91 -14.79
N ASP A 411 9.26 -13.24 -13.51
CA ASP A 411 9.99 -12.38 -12.59
C ASP A 411 11.36 -12.03 -13.12
N ASP A 412 12.08 -13.03 -13.65
CA ASP A 412 13.41 -12.77 -14.20
C ASP A 412 13.35 -11.82 -15.38
N GLU A 413 12.38 -12.00 -16.28
CA GLU A 413 12.24 -11.10 -17.42
C GLU A 413 11.95 -9.68 -16.94
N MET A 414 11.06 -9.54 -15.96
CA MET A 414 10.81 -8.23 -15.39
C MET A 414 12.08 -7.65 -14.78
N ARG A 415 12.82 -8.44 -14.01
CA ARG A 415 14.07 -7.95 -13.43
C ARG A 415 15.05 -7.49 -14.50
N ARG A 416 15.10 -8.20 -15.63
CA ARG A 416 16.10 -7.94 -16.66
C ARG A 416 15.75 -6.79 -17.60
N LEU A 417 14.56 -6.19 -17.48
CA LEU A 417 14.21 -5.06 -18.35
C LEU A 417 15.22 -3.92 -18.19
N ASN A 418 15.64 -3.37 -19.32
CA ASN A 418 16.69 -2.35 -19.27
C ASN A 418 16.14 -0.98 -18.87
N ILE A 419 15.37 -0.93 -17.76
CA ILE A 419 14.97 0.36 -17.18
C ILE A 419 16.13 1.28 -16.86
N PRO A 420 17.27 0.81 -16.31
CA PRO A 420 18.32 1.75 -15.88
C PRO A 420 18.78 2.75 -16.93
N VAL A 421 18.72 2.43 -18.23
CA VAL A 421 19.25 3.37 -19.23
C VAL A 421 18.26 4.46 -19.60
N LEU A 422 16.99 4.35 -19.17
CA LEU A 422 15.94 5.30 -19.57
C LEU A 422 15.98 6.64 -18.85
N GLN A 423 16.61 6.73 -17.68
CA GLN A 423 16.61 7.96 -16.90
C GLN A 423 17.96 8.17 -16.24
N ASP A 424 18.32 9.44 -16.04
CA ASP A 424 19.37 9.85 -15.10
C ASP A 424 18.79 10.46 -13.83
N ASP A 425 17.83 11.36 -13.97
CA ASP A 425 17.21 12.02 -12.83
C ASP A 425 15.73 12.13 -13.13
N GLY A 426 14.91 11.45 -12.34
CA GLY A 426 13.48 11.53 -12.54
C GLY A 426 12.76 10.45 -11.78
N PHE A 427 11.51 10.23 -12.19
CA PHE A 427 10.56 9.47 -11.41
C PHE A 427 10.04 8.27 -12.20
N LEU A 428 9.78 7.19 -11.48
CA LEU A 428 9.15 5.99 -12.02
C LEU A 428 7.80 5.78 -11.34
N PHE A 429 6.80 5.48 -12.14
CA PHE A 429 5.46 5.10 -11.70
C PHE A 429 5.21 3.67 -12.12
N LEU A 430 4.99 2.78 -11.14
CA LEU A 430 4.94 1.34 -11.39
C LEU A 430 3.69 0.71 -10.75
N TRP A 431 2.74 0.26 -11.58
CA TRP A 431 1.54 -0.36 -11.04
C TRP A 431 1.86 -1.75 -10.51
N VAL A 432 1.28 -2.09 -9.36
CA VAL A 432 1.48 -3.36 -8.70
C VAL A 432 0.16 -3.87 -8.15
N THR A 433 0.06 -5.19 -8.02
CA THR A 433 -1.07 -5.86 -7.40
C THR A 433 -0.58 -7.21 -6.89
N GLY A 434 -1.33 -7.79 -5.95
CA GLY A 434 -0.93 -9.06 -5.36
C GLY A 434 0.54 -9.10 -4.95
N ARG A 435 1.23 -10.20 -5.25
CA ARG A 435 2.63 -10.36 -4.85
C ARG A 435 3.57 -9.42 -5.59
N ALA A 436 3.11 -8.75 -6.65
CA ALA A 436 3.90 -7.71 -7.27
C ALA A 436 4.03 -6.48 -6.38
N MET A 437 3.24 -6.37 -5.31
CA MET A 437 3.52 -5.32 -4.35
C MET A 437 4.92 -5.50 -3.78
N GLU A 438 5.36 -6.73 -3.61
CA GLU A 438 6.72 -7.02 -3.17
C GLU A 438 7.70 -7.12 -4.34
N LEU A 439 7.34 -7.86 -5.40
CA LEU A 439 8.24 -8.00 -6.55
C LEU A 439 8.50 -6.66 -7.22
N GLY A 440 7.48 -5.81 -7.35
CA GLY A 440 7.68 -4.50 -7.95
C GLY A 440 8.63 -3.63 -7.14
N ARG A 441 8.55 -3.72 -5.80
CA ARG A 441 9.54 -3.06 -4.96
C ARG A 441 10.95 -3.59 -5.25
N GLU A 442 11.06 -4.90 -5.50
CA GLU A 442 12.37 -5.49 -5.79
C GLU A 442 12.92 -4.97 -7.10
N CYS A 443 12.12 -5.02 -8.16
CA CYS A 443 12.52 -4.44 -9.45
C CYS A 443 12.92 -3.00 -9.31
N LEU A 444 12.08 -2.23 -8.63
CA LEU A 444 12.32 -0.82 -8.39
C LEU A 444 13.74 -0.60 -7.89
N ASN A 445 14.07 -1.25 -6.76
CA ASN A 445 15.38 -1.06 -6.16
C ASN A 445 16.48 -1.61 -7.06
N LEU A 446 16.25 -2.77 -7.68
CA LEU A 446 17.25 -3.32 -8.60
C LEU A 446 17.56 -2.35 -9.74
N TRP A 447 16.53 -1.69 -10.28
CA TRP A 447 16.74 -0.73 -11.37
C TRP A 447 17.39 0.57 -10.93
N GLY A 448 17.66 0.75 -9.64
CA GLY A 448 18.30 1.96 -9.15
C GLY A 448 17.37 3.02 -8.59
N TYR A 449 16.13 2.69 -8.25
CA TYR A 449 15.19 3.66 -7.74
C TYR A 449 15.01 3.49 -6.24
N GLU A 450 14.61 4.57 -5.56
CA GLU A 450 14.10 4.52 -4.21
C GLU A 450 12.60 4.83 -4.22
N ARG A 451 11.81 4.03 -3.50
CA ARG A 451 10.37 4.22 -3.50
C ARG A 451 10.02 5.33 -2.51
N VAL A 452 9.49 6.43 -3.02
CA VAL A 452 9.28 7.63 -2.21
C VAL A 452 7.82 8.02 -2.11
N ASP A 453 6.90 7.26 -2.70
CA ASP A 453 5.47 7.53 -2.56
C ASP A 453 4.75 6.31 -3.09
N GLU A 454 3.45 6.25 -2.79
CA GLU A 454 2.64 5.15 -3.29
C GLU A 454 1.24 5.69 -3.54
N ILE A 455 0.87 5.80 -4.82
CA ILE A 455 -0.45 6.31 -5.20
C ILE A 455 -1.46 5.19 -5.06
N ILE A 456 -2.65 5.56 -4.58
CA ILE A 456 -3.75 4.64 -4.43
C ILE A 456 -4.89 5.11 -5.32
N TRP A 457 -5.38 4.23 -6.17
CA TRP A 457 -6.53 4.54 -7.02
C TRP A 457 -7.76 3.88 -6.42
N VAL A 458 -8.66 4.68 -5.86
CA VAL A 458 -9.92 4.14 -5.35
C VAL A 458 -10.91 4.01 -6.50
N LYS A 459 -11.39 2.79 -6.73
CA LYS A 459 -12.22 2.47 -7.89
C LYS A 459 -13.69 2.76 -7.58
N THR A 460 -14.31 3.64 -8.35
CA THR A 460 -15.72 3.96 -8.21
C THR A 460 -16.49 3.65 -9.48
N ASN A 461 -17.82 3.70 -9.35
CA ASN A 461 -18.72 3.68 -10.49
C ASN A 461 -19.04 5.11 -10.92
N GLN A 462 -19.96 5.25 -11.87
CA GLN A 462 -20.33 6.57 -12.37
C GLN A 462 -21.03 7.42 -11.32
N LEU A 463 -21.48 6.84 -10.21
CA LEU A 463 -22.11 7.58 -9.11
C LEU A 463 -21.18 7.73 -7.90
N GLN A 464 -19.87 7.48 -8.08
CA GLN A 464 -18.85 7.76 -7.08
C GLN A 464 -18.99 6.89 -5.81
N ARG A 465 -19.44 5.65 -5.98
CA ARG A 465 -19.41 4.67 -4.93
C ARG A 465 -18.35 3.62 -5.26
N ILE A 466 -17.74 3.04 -4.22
CA ILE A 466 -16.64 2.12 -4.45
C ILE A 466 -17.14 0.82 -5.08
N ILE A 467 -16.36 0.28 -6.03
CA ILE A 467 -16.60 -1.04 -6.59
C ILE A 467 -16.18 -2.09 -5.56
N ARG A 468 -17.13 -2.52 -4.72
CA ARG A 468 -16.82 -3.40 -3.59
C ARG A 468 -16.35 -4.79 -4.05
N HIS A 474 -8.49 -12.03 -1.26
CA HIS A 474 -8.85 -13.29 -0.62
C HIS A 474 -9.58 -13.03 0.69
N TRP A 475 -8.87 -12.44 1.65
CA TRP A 475 -9.46 -12.17 2.96
C TRP A 475 -10.40 -10.97 2.94
N LEU A 476 -10.09 -9.97 2.10
CA LEU A 476 -10.87 -8.74 1.98
C LEU A 476 -11.18 -8.44 0.53
N ASN A 477 -12.33 -7.81 0.30
CA ASN A 477 -12.61 -7.27 -1.03
C ASN A 477 -11.66 -6.12 -1.30
N HIS A 478 -11.35 -5.90 -2.57
CA HIS A 478 -10.35 -4.92 -2.98
C HIS A 478 -11.08 -3.75 -3.61
N GLY A 479 -10.92 -2.56 -3.01
CA GLY A 479 -11.48 -1.36 -3.57
C GLY A 479 -10.47 -0.43 -4.20
N LYS A 480 -9.22 -0.86 -4.39
CA LYS A 480 -8.17 0.03 -4.83
C LYS A 480 -7.13 -0.74 -5.61
N GLU A 481 -6.32 0.00 -6.37
CA GLU A 481 -5.09 -0.51 -6.96
C GLU A 481 -3.94 0.44 -6.64
N HIS A 482 -2.74 -0.13 -6.54
CA HIS A 482 -1.56 0.58 -6.06
C HIS A 482 -0.60 0.93 -7.20
N CYS A 483 0.04 2.09 -7.09
CA CYS A 483 1.07 2.50 -8.05
C CYS A 483 2.26 3.03 -7.28
N LEU A 484 3.35 2.25 -7.27
CA LEU A 484 4.57 2.66 -6.59
C LEU A 484 5.23 3.82 -7.34
N VAL A 485 5.82 4.74 -6.59
CA VAL A 485 6.49 5.91 -7.14
C VAL A 485 7.95 5.88 -6.72
N GLY A 486 8.85 5.73 -7.70
CA GLY A 486 10.28 5.67 -7.46
C GLY A 486 11.00 6.91 -7.96
N VAL A 487 12.09 7.26 -7.29
CA VAL A 487 12.94 8.35 -7.73
C VAL A 487 14.34 7.81 -7.98
N LYS A 488 14.98 8.34 -9.01
CA LYS A 488 16.35 8.05 -9.39
C LYS A 488 17.10 9.35 -9.51
N GLY A 489 18.32 9.40 -8.98
CA GLY A 489 19.12 10.61 -9.06
C GLY A 489 18.53 11.70 -8.19
N ASN A 490 18.75 12.94 -8.60
CA ASN A 490 18.24 14.11 -7.89
C ASN A 490 17.49 14.99 -8.88
N PRO A 491 16.23 14.67 -9.13
CA PRO A 491 15.43 15.48 -10.06
C PRO A 491 15.29 16.92 -9.57
N GLN A 492 15.50 17.86 -10.47
CA GLN A 492 15.40 19.28 -10.15
C GLN A 492 14.33 19.92 -11.02
N GLY A 493 13.53 20.79 -10.40
CA GLY A 493 12.53 21.56 -11.12
C GLY A 493 11.20 20.85 -11.30
N PHE A 494 10.94 19.81 -10.52
CA PHE A 494 9.65 19.16 -10.53
C PHE A 494 8.76 19.85 -9.51
N ASN A 495 7.45 19.84 -9.79
CA ASN A 495 6.44 20.48 -8.94
C ASN A 495 5.87 19.49 -7.93
N GLN A 496 6.74 19.08 -6.99
CA GLN A 496 6.35 18.09 -6.00
C GLN A 496 5.34 18.69 -5.05
N GLY A 497 4.34 17.89 -4.64
CA GLY A 497 3.37 18.33 -3.68
C GLY A 497 2.10 18.99 -4.21
N LEU A 498 1.96 19.16 -5.54
CA LEU A 498 0.73 19.74 -6.07
C LEU A 498 -0.46 18.79 -5.95
N ASP A 499 -0.28 17.51 -6.26
CA ASP A 499 -1.37 16.55 -6.18
C ASP A 499 -1.21 15.70 -4.94
N CYS A 500 -2.30 15.06 -4.54
CA CYS A 500 -2.18 14.12 -3.43
C CYS A 500 -2.19 12.68 -3.97
N ASP A 501 -1.89 11.75 -3.08
CA ASP A 501 -1.62 10.37 -3.47
C ASP A 501 -2.87 9.49 -3.48
N VAL A 502 -4.05 10.08 -3.56
CA VAL A 502 -5.26 9.28 -3.74
C VAL A 502 -5.93 9.72 -5.04
N ILE A 503 -6.26 8.75 -5.88
CA ILE A 503 -7.05 9.01 -7.08
C ILE A 503 -8.41 8.35 -6.91
N VAL A 504 -9.47 9.10 -7.17
CA VAL A 504 -10.85 8.60 -7.15
C VAL A 504 -11.40 8.75 -8.58
N ALA A 505 -11.62 7.63 -9.26
CA ALA A 505 -11.92 7.66 -10.69
C ALA A 505 -12.67 6.41 -11.08
N GLU A 506 -13.48 6.53 -12.14
CA GLU A 506 -14.37 5.46 -12.55
C GLU A 506 -13.59 4.39 -13.30
N VAL A 507 -13.90 3.12 -12.98
CA VAL A 507 -13.46 2.00 -13.81
C VAL A 507 -14.04 2.17 -15.21
N ARG A 508 -13.17 2.16 -16.22
CA ARG A 508 -13.65 2.20 -17.59
C ARG A 508 -13.73 0.78 -18.15
N SER A 509 -12.70 0.34 -18.87
CA SER A 509 -12.61 -1.05 -19.27
C SER A 509 -11.84 -1.82 -18.20
N THR A 510 -11.95 -3.14 -18.25
CA THR A 510 -11.04 -3.98 -17.48
C THR A 510 -9.62 -3.77 -18.00
N SER A 511 -8.68 -3.59 -17.07
CA SER A 511 -7.23 -3.50 -17.26
C SER A 511 -6.77 -2.04 -17.37
N HIS A 512 -7.70 -1.12 -17.65
CA HIS A 512 -7.32 0.27 -17.82
C HIS A 512 -6.99 0.90 -16.49
N LYS A 513 -6.04 1.82 -16.52
CA LYS A 513 -5.74 2.70 -15.40
C LYS A 513 -6.36 4.07 -15.68
N PRO A 514 -6.67 4.84 -14.64
CA PRO A 514 -7.35 6.13 -14.86
C PRO A 514 -6.48 7.14 -15.60
N ASP A 515 -7.11 7.89 -16.52
CA ASP A 515 -6.45 8.96 -17.27
C ASP A 515 -5.93 10.07 -16.38
N GLU A 516 -6.47 10.21 -15.17
CA GLU A 516 -6.03 11.25 -14.26
C GLU A 516 -4.52 11.21 -13.98
N ILE A 517 -3.90 10.03 -14.04
CA ILE A 517 -2.48 9.94 -13.71
C ILE A 517 -1.62 10.78 -14.68
N TYR A 518 -2.07 10.93 -15.95
CA TYR A 518 -1.31 11.76 -16.90
C TYR A 518 -1.34 13.23 -16.52
N GLY A 519 -2.49 13.72 -16.02
CA GLY A 519 -2.55 15.09 -15.53
C GLY A 519 -1.66 15.30 -14.32
N MET A 520 -1.71 14.38 -13.35
CA MET A 520 -0.82 14.46 -12.19
C MET A 520 0.63 14.51 -12.63
N ILE A 521 1.00 13.64 -13.56
CA ILE A 521 2.38 13.61 -14.03
C ILE A 521 2.72 14.87 -14.80
N GLU A 522 1.78 15.40 -15.59
CA GLU A 522 2.07 16.62 -16.35
C GLU A 522 2.25 17.82 -15.42
N ARG A 523 1.40 17.98 -14.41
CA ARG A 523 1.62 19.09 -13.49
C ARG A 523 2.93 18.90 -12.72
N LEU A 524 3.29 17.65 -12.43
CA LEU A 524 4.54 17.36 -11.72
C LEU A 524 5.76 17.73 -12.56
N SER A 525 5.72 17.47 -13.86
CA SER A 525 6.88 17.66 -14.73
C SER A 525 6.38 18.15 -16.07
N PRO A 526 6.04 19.43 -16.18
CA PRO A 526 5.36 19.91 -17.40
C PRO A 526 6.33 20.05 -18.57
N GLY A 527 5.87 19.57 -19.74
CA GLY A 527 6.61 19.73 -20.98
C GLY A 527 7.77 18.78 -21.21
N THR A 528 8.18 18.00 -20.22
CA THR A 528 9.32 17.07 -20.32
C THR A 528 8.94 15.79 -21.08
N ARG A 529 9.97 15.06 -21.53
CA ARG A 529 9.79 13.78 -22.19
C ARG A 529 9.46 12.66 -21.22
N LYS A 530 8.48 11.84 -21.59
CA LYS A 530 8.02 10.74 -20.75
C LYS A 530 7.90 9.48 -21.60
N ILE A 531 8.00 8.33 -20.97
CA ILE A 531 7.86 7.06 -21.68
C ILE A 531 6.99 6.10 -20.86
N GLU A 532 6.08 5.41 -21.56
CA GLU A 532 5.23 4.39 -20.97
C GLU A 532 5.56 3.02 -21.55
N LEU A 533 5.72 2.03 -20.67
CA LEU A 533 5.95 0.64 -21.06
C LEU A 533 4.69 -0.19 -20.88
N PHE A 534 4.43 -1.08 -21.84
CA PHE A 534 3.24 -1.92 -21.88
C PHE A 534 1.97 -1.08 -22.04
N GLY A 535 2.09 0.05 -22.73
CA GLY A 535 0.92 0.85 -23.04
C GLY A 535 0.12 0.24 -24.18
N ARG A 536 -1.14 0.63 -24.25
CA ARG A 536 -2.06 0.19 -25.28
C ARG A 536 -2.48 1.43 -26.06
N PRO A 537 -3.20 1.31 -27.19
CA PRO A 537 -3.56 2.51 -27.95
C PRO A 537 -4.17 3.65 -27.12
N HIS A 538 -5.07 3.33 -26.17
CA HIS A 538 -5.65 4.40 -25.36
C HIS A 538 -4.64 5.13 -24.49
N ASN A 539 -3.43 4.61 -24.36
CA ASN A 539 -2.46 5.25 -23.47
C ASN A 539 -1.63 6.34 -24.15
N VAL A 540 -1.68 6.47 -25.48
CA VAL A 540 -0.78 7.39 -26.14
C VAL A 540 -1.23 8.81 -25.85
N GLN A 541 -0.26 9.70 -25.60
CA GLN A 541 -0.49 11.00 -25.00
C GLN A 541 0.58 11.93 -25.52
N PRO A 542 0.32 13.24 -25.57
CA PRO A 542 1.38 14.16 -25.96
C PRO A 542 2.47 14.15 -24.92
N ASN A 543 3.72 14.33 -25.37
CA ASN A 543 4.95 14.27 -24.59
C ASN A 543 5.34 12.85 -24.18
N TRP A 544 4.55 11.83 -24.52
CA TRP A 544 4.84 10.44 -24.16
C TRP A 544 5.23 9.63 -25.39
N ILE A 545 6.26 8.78 -25.23
CA ILE A 545 6.51 7.67 -26.14
C ILE A 545 5.96 6.42 -25.49
N THR A 546 5.11 5.70 -26.20
CA THR A 546 4.43 4.53 -25.65
C THR A 546 4.97 3.26 -26.28
N LEU A 547 5.37 2.30 -25.45
CA LEU A 547 5.83 0.99 -25.91
C LEU A 547 4.86 -0.09 -25.51
N GLY A 548 4.68 -1.10 -26.38
CA GLY A 548 3.76 -2.18 -26.15
C GLY A 548 3.51 -3.02 -27.39
N ASN A 549 3.11 -4.28 -27.23
CA ASN A 549 2.91 -5.14 -28.40
C ASN A 549 1.49 -5.09 -28.95
N GLN A 550 0.62 -4.24 -28.41
CA GLN A 550 -0.72 -4.06 -28.95
C GLN A 550 -0.92 -2.69 -29.58
N LEU A 551 0.16 -1.98 -29.86
CA LEU A 551 0.07 -0.74 -30.58
C LEU A 551 0.12 -1.00 -32.08
N ASP A 552 -0.32 -0.02 -32.86
CA ASP A 552 -0.43 -0.18 -34.30
C ASP A 552 0.84 0.38 -34.95
N GLY A 553 1.77 -0.52 -35.29
CA GLY A 553 2.99 -0.13 -35.98
C GLY A 553 3.93 0.75 -35.15
N ILE A 554 4.66 1.60 -35.86
CA ILE A 554 5.64 2.50 -35.24
C ILE A 554 5.34 3.90 -35.74
N HIS A 555 5.27 4.86 -34.80
CA HIS A 555 4.88 6.26 -35.09
C HIS A 555 5.83 7.17 -34.31
N LEU A 556 6.91 7.61 -34.96
CA LEU A 556 7.96 8.39 -34.32
C LEU A 556 8.12 9.74 -35.01
N LEU A 557 8.19 10.81 -34.23
CA LEU A 557 8.32 12.15 -34.81
C LEU A 557 9.49 12.96 -34.27
N ASP A 558 10.01 12.63 -33.08
CA ASP A 558 11.23 13.22 -32.55
C ASP A 558 12.39 12.94 -33.50
N PRO A 559 13.00 13.96 -34.11
CA PRO A 559 14.11 13.70 -35.06
C PRO A 559 15.26 12.90 -34.46
N ASP A 560 15.68 13.20 -33.22
CA ASP A 560 16.73 12.42 -32.58
C ASP A 560 16.36 10.94 -32.52
N VAL A 561 15.11 10.65 -32.17
CA VAL A 561 14.70 9.25 -32.01
C VAL A 561 14.60 8.57 -33.37
N VAL A 562 13.96 9.21 -34.33
CA VAL A 562 13.89 8.67 -35.70
C VAL A 562 15.28 8.29 -36.21
N ALA A 563 16.23 9.22 -36.10
CA ALA A 563 17.58 8.98 -36.60
C ALA A 563 18.21 7.75 -35.92
N ARG A 564 18.14 7.69 -34.58
CA ARG A 564 18.74 6.55 -33.86
C ARG A 564 17.97 5.26 -34.13
N PHE A 565 16.67 5.33 -34.41
CA PHE A 565 15.92 4.13 -34.74
C PHE A 565 16.30 3.58 -36.11
N LYS A 566 16.35 4.45 -37.12
CA LYS A 566 16.78 4.02 -38.45
C LYS A 566 18.13 3.31 -38.41
N GLN A 567 19.12 3.92 -37.75
CA GLN A 567 20.44 3.31 -37.62
C GLN A 567 20.37 1.94 -36.95
N ARG A 568 19.74 1.87 -35.77
CA ARG A 568 19.65 0.60 -35.04
C ARG A 568 18.82 -0.43 -35.79
N TYR A 569 17.74 0.00 -36.46
CA TYR A 569 16.81 -0.89 -37.13
C TYR A 569 16.61 -0.45 -38.58
N PRO A 570 17.64 -0.60 -39.43
CA PRO A 570 17.53 -0.12 -40.81
C PRO A 570 16.38 -0.74 -41.59
N ASP A 571 16.04 -2.00 -41.29
CA ASP A 571 14.95 -2.69 -41.96
C ASP A 571 13.66 -2.69 -41.14
N GLY A 572 13.59 -1.94 -40.05
CA GLY A 572 12.38 -1.80 -39.27
C GLY A 572 11.96 -3.00 -38.45
N ILE A 573 12.84 -4.00 -38.27
CA ILE A 573 12.48 -5.25 -37.61
C ILE A 573 13.18 -5.30 -36.26
N ILE A 574 12.43 -5.67 -35.23
CA ILE A 574 12.91 -5.67 -33.84
C ILE A 574 12.81 -7.10 -33.32
N SER A 575 13.92 -7.83 -33.38
CA SER A 575 13.97 -9.23 -32.95
C SER A 575 15.03 -9.41 -31.88
N LYS A 576 15.22 -10.66 -31.48
CA LYS A 576 16.40 -11.06 -30.72
C LYS A 576 16.63 -10.24 -29.45
N ASN B 117 -14.67 13.13 -13.24
CA ASN B 117 -14.00 13.75 -14.38
C ASN B 117 -12.96 14.73 -13.84
N ASP B 118 -12.12 14.16 -12.99
CA ASP B 118 -10.85 14.67 -12.47
C ASP B 118 -10.96 15.36 -11.11
N TYR B 119 -11.05 14.54 -10.07
CA TYR B 119 -10.91 15.04 -8.70
C TYR B 119 -9.46 15.42 -8.37
N CYS B 120 -8.48 14.94 -9.14
CA CYS B 120 -7.10 15.39 -8.95
C CYS B 120 -6.95 16.85 -9.35
N GLN B 121 -7.38 17.17 -10.58
CA GLN B 121 -7.49 18.56 -10.99
C GLN B 121 -8.30 19.37 -10.00
N HIS B 122 -9.45 18.83 -9.58
CA HIS B 122 -10.25 19.54 -8.58
C HIS B 122 -9.45 19.82 -7.31
N PHE B 123 -8.69 18.83 -6.81
CA PHE B 123 -7.95 19.04 -5.57
C PHE B 123 -6.91 20.14 -5.73
N VAL B 124 -6.22 20.15 -6.88
CA VAL B 124 -5.28 21.23 -7.17
C VAL B 124 -5.99 22.57 -7.13
N ASP B 125 -7.22 22.62 -7.65
CA ASP B 125 -7.91 23.90 -7.79
C ASP B 125 -8.49 24.40 -6.48
N THR B 126 -9.02 23.49 -5.66
CA THR B 126 -9.80 23.85 -4.48
C THR B 126 -9.22 23.39 -3.16
N GLY B 127 -8.26 22.45 -3.13
CA GLY B 127 -7.76 21.89 -1.89
C GLY B 127 -8.61 20.78 -1.31
N HIS B 128 -9.74 20.44 -1.93
CA HIS B 128 -10.56 19.31 -1.51
C HIS B 128 -10.00 17.99 -2.05
N ARG B 129 -9.64 17.08 -1.15
CA ARG B 129 -9.03 15.82 -1.56
C ARG B 129 -10.03 14.96 -2.33
N PRO B 130 -9.57 14.22 -3.33
CA PRO B 130 -10.48 13.37 -4.11
C PRO B 130 -11.33 12.46 -3.24
N GLN B 131 -10.79 12.02 -2.11
CA GLN B 131 -11.53 11.09 -1.27
C GLN B 131 -12.75 11.73 -0.61
N ASN B 132 -12.75 13.06 -0.44
CA ASN B 132 -13.92 13.77 0.08
C ASN B 132 -15.19 13.50 -0.70
N PHE B 133 -15.10 13.03 -1.95
CA PHE B 133 -16.27 12.88 -2.81
C PHE B 133 -16.75 11.45 -2.95
N ILE B 134 -16.04 10.49 -2.37
CA ILE B 134 -16.57 9.13 -2.30
C ILE B 134 -17.87 9.16 -1.50
N ARG B 135 -18.89 8.50 -2.01
CA ARG B 135 -20.21 8.50 -1.38
C ARG B 135 -20.48 7.18 -0.65
N ASP B 136 -21.36 7.26 0.35
CA ASP B 136 -21.89 6.09 1.06
C ASP B 136 -20.74 5.22 1.61
N VAL B 137 -19.90 5.85 2.42
CA VAL B 137 -18.68 5.22 2.95
C VAL B 137 -18.98 4.32 4.15
N LEU B 152 -28.65 -7.23 8.72
CA LEU B 152 -27.81 -7.89 7.75
C LEU B 152 -26.41 -7.29 7.92
N ILE B 153 -25.67 -7.67 8.96
CA ILE B 153 -24.30 -7.22 9.24
C ILE B 153 -23.97 -7.59 10.68
N ARG B 154 -25.00 -7.52 11.53
CA ARG B 154 -24.86 -7.74 12.97
C ARG B 154 -24.86 -9.22 13.26
N LEU B 155 -25.37 -9.58 14.45
CA LEU B 155 -25.50 -10.96 14.91
C LEU B 155 -24.13 -11.63 14.98
N LYS B 156 -23.44 -11.69 13.84
CA LYS B 156 -22.03 -12.06 13.83
C LYS B 156 -21.26 -11.19 14.81
N ASP B 157 -21.49 -9.87 14.74
CA ASP B 157 -20.96 -8.96 15.74
C ASP B 157 -21.34 -9.39 17.14
N GLU B 158 -22.60 -9.84 17.31
CA GLU B 158 -23.09 -10.18 18.66
C GLU B 158 -22.40 -11.43 19.19
N LEU B 159 -22.14 -12.40 18.31
CA LEU B 159 -21.40 -13.59 18.70
C LEU B 159 -19.95 -13.27 18.99
N ILE B 160 -19.34 -12.38 18.20
CA ILE B 160 -18.01 -11.90 18.53
C ILE B 160 -18.00 -11.33 19.95
N ALA B 161 -19.02 -10.52 20.28
CA ALA B 161 -19.08 -9.91 21.61
C ALA B 161 -19.27 -10.98 22.70
N LYS B 162 -20.04 -12.03 22.41
CA LYS B 162 -20.20 -13.10 23.40
C LYS B 162 -18.94 -13.96 23.53
N SER B 163 -18.17 -14.11 22.44
CA SER B 163 -16.96 -14.91 22.56
C SER B 163 -15.83 -14.15 23.25
N ASN B 164 -15.96 -12.83 23.37
CA ASN B 164 -14.82 -12.00 23.74
C ASN B 164 -14.41 -12.26 25.19
N THR B 165 -13.10 -12.48 25.40
CA THR B 165 -12.53 -12.47 26.73
C THR B 165 -12.75 -11.10 27.37
N PRO B 166 -12.68 -11.02 28.70
CA PRO B 166 -12.61 -9.71 29.34
C PRO B 166 -11.42 -8.94 28.82
N PRO B 167 -11.49 -7.62 28.76
CA PRO B 167 -10.31 -6.85 28.38
C PRO B 167 -9.21 -7.03 29.40
N MET B 168 -7.98 -7.27 28.92
CA MET B 168 -6.80 -7.33 29.76
C MET B 168 -5.74 -6.38 29.21
N TYR B 169 -4.94 -5.83 30.11
CA TYR B 169 -4.06 -4.73 29.73
C TYR B 169 -2.90 -4.70 30.70
N LEU B 170 -1.76 -4.22 30.21
CA LEU B 170 -0.54 -4.21 31.01
C LEU B 170 0.32 -3.04 30.58
N GLN B 171 0.71 -2.21 31.52
CA GLN B 171 1.73 -1.21 31.26
C GLN B 171 3.09 -1.91 31.20
N ALA B 172 3.86 -1.60 30.16
CA ALA B 172 5.17 -2.20 29.97
C ALA B 172 5.94 -1.30 29.02
N ASP B 173 7.19 -1.02 29.36
CA ASP B 173 8.09 -0.28 28.49
C ASP B 173 8.67 -1.31 27.53
N ILE B 174 8.12 -1.35 26.32
CA ILE B 174 8.35 -2.48 25.42
C ILE B 174 9.80 -2.60 24.95
N GLU B 175 10.58 -1.50 24.96
CA GLU B 175 11.98 -1.63 24.58
C GLU B 175 12.81 -2.34 25.64
N ALA B 176 12.44 -2.18 26.91
CA ALA B 176 13.12 -2.79 28.05
C ALA B 176 12.46 -4.09 28.49
N PHE B 177 11.33 -4.45 27.89
CA PHE B 177 10.46 -5.52 28.37
C PHE B 177 10.70 -6.76 27.53
N ASP B 178 10.85 -7.90 28.19
CA ASP B 178 10.98 -9.17 27.46
C ASP B 178 9.58 -9.65 27.09
N ILE B 179 9.25 -9.57 25.79
CA ILE B 179 7.89 -9.88 25.35
C ILE B 179 7.52 -11.32 25.66
N ARG B 180 8.52 -12.20 25.81
CA ARG B 180 8.23 -13.61 26.00
C ARG B 180 7.47 -13.88 27.31
N GLU B 181 7.45 -12.91 28.22
CA GLU B 181 6.56 -12.94 29.38
C GLU B 181 5.09 -12.86 29.00
N LEU B 182 4.78 -12.48 27.76
CA LEU B 182 3.41 -12.40 27.28
C LEU B 182 3.04 -13.75 26.66
N THR B 183 2.19 -14.50 27.34
CA THR B 183 1.74 -15.82 26.91
C THR B 183 0.23 -15.91 27.15
N PRO B 184 -0.44 -16.88 26.49
CA PRO B 184 0.10 -17.85 25.52
C PRO B 184 0.39 -17.17 24.19
N LYS B 185 0.75 -17.96 23.18
CA LYS B 185 1.05 -17.39 21.88
C LYS B 185 -0.23 -16.86 21.23
N PHE B 186 -0.11 -15.76 20.51
CA PHE B 186 -1.29 -15.02 20.07
C PHE B 186 -1.75 -15.42 18.68
N ASP B 187 -3.07 -15.38 18.47
CA ASP B 187 -3.63 -15.63 17.16
C ASP B 187 -3.57 -14.40 16.27
N VAL B 188 -3.67 -13.21 16.87
CA VAL B 188 -3.64 -11.95 16.14
C VAL B 188 -2.76 -10.99 16.91
N ILE B 189 -1.85 -10.33 16.23
CA ILE B 189 -1.09 -9.24 16.80
C ILE B 189 -1.37 -7.98 16.01
N LEU B 190 -1.84 -6.94 16.70
CA LEU B 190 -1.96 -5.60 16.13
C LEU B 190 -0.82 -4.75 16.68
N LEU B 191 0.03 -4.27 15.79
CA LEU B 191 1.27 -3.60 16.20
C LEU B 191 1.21 -2.16 15.74
N GLU B 192 1.31 -1.23 16.70
CA GLU B 192 1.04 0.19 16.44
C GLU B 192 2.15 1.10 16.98
N PRO B 193 3.39 0.87 16.56
CA PRO B 193 4.51 1.63 17.14
C PRO B 193 4.38 3.12 16.84
N PRO B 194 4.68 3.97 17.81
CA PRO B 194 4.56 5.41 17.59
C PRO B 194 5.70 5.95 16.72
N LEU B 195 5.43 6.08 15.43
CA LEU B 195 6.39 6.59 14.46
C LEU B 195 6.53 8.11 14.56
N GLU B 196 7.74 8.60 14.27
CA GLU B 196 7.98 10.05 14.33
C GLU B 196 7.10 10.81 13.35
N GLU B 197 6.83 10.23 12.18
CA GLU B 197 6.01 10.95 11.21
C GLU B 197 4.63 11.27 11.74
N TYR B 198 4.14 10.54 12.76
CA TYR B 198 2.84 10.85 13.32
C TYR B 198 2.81 12.22 14.02
N TYR B 199 3.97 12.78 14.35
CA TYR B 199 4.05 14.02 15.13
C TYR B 199 4.60 15.15 14.26
N ARG B 200 3.73 16.08 13.88
CA ARG B 200 4.12 17.27 13.11
C ARG B 200 3.26 18.49 13.44
N LYS B 209 8.22 8.96 23.69
CA LYS B 209 9.31 8.26 23.02
C LYS B 209 8.88 7.67 21.66
N CYS B 210 9.38 8.23 20.57
CA CYS B 210 9.06 7.71 19.24
C CYS B 210 9.93 6.49 18.91
N TRP B 211 9.36 5.58 18.15
CA TRP B 211 10.02 4.34 17.74
C TRP B 211 10.43 4.44 16.27
N THR B 212 11.71 4.19 15.99
CA THR B 212 12.19 4.09 14.62
C THR B 212 11.97 2.68 14.08
N TRP B 213 12.12 2.56 12.75
CA TRP B 213 11.99 1.23 12.16
C TRP B 213 13.13 0.33 12.58
N ASP B 214 14.28 0.91 12.95
CA ASP B 214 15.37 0.19 13.59
C ASP B 214 14.90 -0.48 14.87
N ASP B 215 14.28 0.27 15.78
CA ASP B 215 13.74 -0.29 17.02
C ASP B 215 12.67 -1.35 16.74
N ILE B 216 11.75 -1.07 15.81
CA ILE B 216 10.63 -1.97 15.60
C ILE B 216 11.11 -3.31 15.06
N MET B 217 12.04 -3.26 14.08
CA MET B 217 12.53 -4.47 13.46
C MET B 217 13.25 -5.38 14.44
N LYS B 218 13.78 -4.83 15.53
CA LYS B 218 14.49 -5.63 16.51
C LYS B 218 13.57 -6.25 17.53
N LEU B 219 12.25 -5.99 17.44
CA LEU B 219 11.29 -6.65 18.30
C LEU B 219 11.20 -8.13 17.97
N GLU B 220 11.03 -8.95 18.99
CA GLU B 220 11.08 -10.39 18.78
C GLU B 220 9.67 -10.96 18.59
N ILE B 221 8.94 -10.40 17.61
CA ILE B 221 7.51 -10.73 17.42
C ILE B 221 7.30 -12.22 17.16
N ASP B 222 8.23 -12.88 16.47
CA ASP B 222 8.03 -14.30 16.18
C ASP B 222 8.01 -15.18 17.43
N GLU B 223 8.61 -14.71 18.54
CA GLU B 223 8.66 -15.50 19.75
C GLU B 223 7.33 -15.57 20.48
N ILE B 224 6.36 -14.74 20.12
CA ILE B 224 5.05 -14.76 20.79
C ILE B 224 3.89 -14.99 19.82
N ALA B 225 4.16 -15.18 18.54
CA ALA B 225 3.10 -15.47 17.59
C ALA B 225 2.87 -16.97 17.54
N ALA B 226 1.60 -17.38 17.49
CA ALA B 226 1.32 -18.79 17.33
C ALA B 226 1.77 -19.25 15.94
N PRO B 227 2.04 -20.56 15.78
CA PRO B 227 2.53 -21.05 14.46
C PRO B 227 1.61 -20.72 13.32
N ARG B 228 0.30 -20.73 13.55
CA ARG B 228 -0.68 -20.15 12.63
C ARG B 228 -1.21 -18.90 13.30
N SER B 229 -0.96 -17.73 12.70
CA SER B 229 -1.33 -16.49 13.35
C SER B 229 -1.20 -15.36 12.36
N PHE B 230 -1.71 -14.19 12.75
CA PHE B 230 -1.88 -13.05 11.87
C PHE B 230 -1.30 -11.81 12.52
N ILE B 231 -0.80 -10.91 11.68
CA ILE B 231 -0.29 -9.63 12.17
C ILE B 231 -0.93 -8.51 11.37
N PHE B 232 -1.20 -7.40 12.05
CA PHE B 232 -1.65 -6.15 11.45
C PHE B 232 -0.69 -5.07 11.92
N LEU B 233 0.06 -4.49 10.98
CA LEU B 233 1.14 -3.55 11.29
C LEU B 233 0.83 -2.20 10.66
N TRP B 234 0.62 -1.18 11.51
CA TRP B 234 0.47 0.20 11.06
C TRP B 234 1.82 0.76 10.64
N CYS B 235 1.95 1.10 9.35
CA CYS B 235 3.24 1.44 8.75
C CYS B 235 3.36 2.90 8.34
N GLY B 236 2.33 3.70 8.55
CA GLY B 236 2.37 5.09 8.19
C GLY B 236 2.25 5.26 6.69
N SER B 237 3.05 6.16 6.14
CA SER B 237 2.92 6.52 4.74
C SER B 237 4.26 6.78 4.07
N GLY B 238 5.37 6.57 4.76
CA GLY B 238 6.68 6.83 4.21
C GLY B 238 7.49 5.56 4.04
N GLU B 239 8.73 5.56 4.53
CA GLU B 239 9.60 4.38 4.41
C GLU B 239 9.03 3.17 5.14
N GLY B 240 8.08 3.37 6.06
CA GLY B 240 7.47 2.23 6.74
C GLY B 240 6.77 1.27 5.79
N LEU B 241 6.30 1.76 4.64
CA LEU B 241 5.69 0.88 3.64
C LEU B 241 6.67 -0.18 3.14
N ASP B 242 7.96 0.11 3.18
CA ASP B 242 9.01 -0.86 2.80
C ASP B 242 9.60 -1.59 4.01
N LEU B 243 10.00 -0.85 5.04
CA LEU B 243 10.57 -1.45 6.24
C LEU B 243 9.55 -2.32 6.95
N GLY B 244 8.27 -1.95 6.89
CA GLY B 244 7.24 -2.79 7.48
C GLY B 244 7.13 -4.14 6.79
N ARG B 245 7.34 -4.18 5.46
CA ARG B 245 7.36 -5.46 4.77
C ARG B 245 8.59 -6.28 5.16
N VAL B 246 9.75 -5.63 5.29
CA VAL B 246 10.93 -6.30 5.83
C VAL B 246 10.62 -6.92 7.18
N CYS B 247 9.96 -6.17 8.09
CA CYS B 247 9.63 -6.70 9.41
C CYS B 247 8.79 -7.96 9.32
N LEU B 248 7.70 -7.88 8.56
CA LEU B 248 6.80 -9.01 8.41
C LEU B 248 7.56 -10.26 8.01
N ARG B 249 8.45 -10.12 7.02
CA ARG B 249 9.23 -11.27 6.55
C ARG B 249 10.20 -11.72 7.64
N LYS B 250 10.77 -10.76 8.37
CA LYS B 250 11.72 -11.12 9.41
C LYS B 250 11.06 -11.96 10.49
N TRP B 251 9.80 -11.66 10.79
CA TRP B 251 9.06 -12.36 11.83
C TRP B 251 8.34 -13.59 11.30
N GLY B 252 8.47 -13.91 10.01
CA GLY B 252 7.94 -15.14 9.48
C GLY B 252 6.61 -15.03 8.79
N TYR B 253 6.13 -13.83 8.49
CA TYR B 253 4.85 -13.67 7.81
C TYR B 253 5.04 -13.35 6.32
N ARG B 254 3.99 -13.65 5.55
CA ARG B 254 3.82 -13.10 4.21
C ARG B 254 2.60 -12.20 4.20
N ARG B 255 2.70 -11.09 3.49
CA ARG B 255 1.60 -10.14 3.45
C ARG B 255 0.47 -10.70 2.61
N CYS B 256 -0.75 -10.70 3.16
CA CYS B 256 -1.90 -11.03 2.31
C CYS B 256 -2.77 -9.84 1.98
N GLU B 257 -2.73 -8.76 2.75
CA GLU B 257 -3.58 -7.61 2.46
C GLU B 257 -2.83 -6.32 2.78
N ASP B 258 -3.24 -5.25 2.11
CA ASP B 258 -2.74 -3.90 2.35
C ASP B 258 -3.97 -3.02 2.61
N ILE B 259 -4.17 -2.64 3.86
CA ILE B 259 -5.35 -1.90 4.25
C ILE B 259 -5.00 -0.41 4.33
N CYS B 260 -5.67 0.41 3.54
N CYS B 260 -5.70 0.40 3.55
CA CYS B 260 -5.33 1.83 3.43
CA CYS B 260 -5.39 1.82 3.44
C CYS B 260 -6.37 2.67 4.14
C CYS B 260 -6.42 2.63 4.21
N TRP B 261 -5.94 3.41 5.16
CA TRP B 261 -6.76 4.37 5.88
C TRP B 261 -6.65 5.68 5.11
N ILE B 262 -7.71 6.02 4.39
CA ILE B 262 -7.78 7.22 3.56
C ILE B 262 -8.43 8.33 4.36
N LYS B 263 -7.77 9.48 4.44
CA LYS B 263 -8.18 10.59 5.29
C LYS B 263 -8.77 11.71 4.44
N THR B 264 -10.06 11.98 4.62
CA THR B 264 -10.69 13.14 4.00
C THR B 264 -10.33 14.43 4.74
N ASN B 265 -10.57 15.56 4.07
CA ASN B 265 -10.36 16.87 4.68
C ASN B 265 -11.57 17.76 4.42
N LYS B 266 -12.78 17.21 4.59
CA LYS B 266 -14.00 17.98 4.33
C LYS B 266 -14.12 19.19 5.24
N ASN B 267 -13.46 19.18 6.39
CA ASN B 267 -13.52 20.25 7.37
C ASN B 267 -12.35 21.21 7.31
N ASN B 268 -11.36 20.95 6.47
CA ASN B 268 -10.30 21.95 6.33
C ASN B 268 -9.66 21.84 4.95
N PRO B 269 -10.43 22.03 3.85
CA PRO B 269 -9.94 21.98 2.46
C PRO B 269 -8.74 22.89 2.15
N LEU B 275 5.23 17.64 5.11
CA LEU B 275 5.72 17.23 3.78
C LEU B 275 7.16 16.69 3.84
N ASP B 276 7.28 15.36 3.88
CA ASP B 276 8.58 14.70 3.86
C ASP B 276 9.37 15.18 2.66
N PRO B 277 10.64 15.59 2.83
CA PRO B 277 11.41 16.11 1.69
C PRO B 277 11.48 15.19 0.47
N LYS B 278 11.46 13.87 0.66
CA LYS B 278 11.44 12.94 -0.46
C LYS B 278 10.07 12.83 -1.13
N ALA B 279 9.02 13.41 -0.53
CA ALA B 279 7.66 13.21 -1.05
C ALA B 279 7.48 13.85 -2.43
N VAL B 280 6.81 13.12 -3.30
CA VAL B 280 6.41 13.66 -4.59
C VAL B 280 5.01 14.27 -4.50
N PHE B 281 4.17 13.71 -3.65
CA PHE B 281 2.78 14.12 -3.53
C PHE B 281 2.46 14.38 -2.08
N GLN B 282 1.39 15.15 -1.88
CA GLN B 282 0.80 15.27 -0.56
C GLN B 282 0.28 13.91 -0.12
N ARG B 283 0.71 13.49 1.08
CA ARG B 283 0.38 12.19 1.62
C ARG B 283 -0.91 12.28 2.43
N THR B 284 -1.92 11.49 2.04
CA THR B 284 -3.25 11.65 2.62
C THR B 284 -3.82 10.33 3.15
N LYS B 285 -2.97 9.33 3.35
CA LYS B 285 -3.44 8.05 3.87
C LYS B 285 -2.34 7.39 4.69
N GLU B 286 -2.71 6.31 5.37
CA GLU B 286 -1.77 5.45 6.08
C GLU B 286 -2.10 4.01 5.71
N HIS B 287 -1.09 3.13 5.80
CA HIS B 287 -1.24 1.71 5.49
C HIS B 287 -1.12 0.84 6.73
N CYS B 288 -2.04 -0.11 6.84
CA CYS B 288 -1.97 -1.18 7.84
C CYS B 288 -1.76 -2.49 7.09
N LEU B 289 -0.56 -3.07 7.19
CA LEU B 289 -0.29 -4.32 6.46
C LEU B 289 -0.75 -5.52 7.27
N MET B 290 -1.41 -6.47 6.60
CA MET B 290 -1.90 -7.71 7.19
C MET B 290 -1.00 -8.87 6.74
N GLY B 291 -0.44 -9.59 7.71
CA GLY B 291 0.45 -10.69 7.44
C GLY B 291 -0.12 -11.98 7.98
N ILE B 292 0.21 -13.09 7.31
CA ILE B 292 -0.17 -14.43 7.74
C ILE B 292 1.08 -15.28 7.85
N LYS B 293 1.11 -16.12 8.88
CA LYS B 293 2.16 -17.10 9.07
C LYS B 293 1.49 -18.44 9.34
N GLY B 294 2.05 -19.50 8.78
CA GLY B 294 1.44 -20.80 8.88
C GLY B 294 0.48 -21.08 7.75
N THR B 295 -0.25 -22.17 7.91
CA THR B 295 -1.25 -22.59 6.93
C THR B 295 -2.68 -22.23 7.39
N VAL B 309 -17.70 -9.29 4.53
CA VAL B 309 -18.08 -8.28 3.56
C VAL B 309 -17.29 -6.99 3.76
N ASP B 310 -16.02 -7.12 4.11
CA ASP B 310 -15.18 -5.96 4.38
C ASP B 310 -14.25 -5.66 3.21
N ILE B 311 -13.89 -4.39 3.09
CA ILE B 311 -13.07 -3.90 2.01
C ILE B 311 -11.73 -3.46 2.61
N ASP B 312 -10.72 -3.35 1.75
CA ASP B 312 -9.38 -3.03 2.23
C ASP B 312 -9.16 -1.53 2.34
N LEU B 313 -10.21 -0.79 2.71
CA LEU B 313 -10.20 0.68 2.77
C LEU B 313 -10.94 1.13 4.01
N ILE B 314 -10.37 2.08 4.73
CA ILE B 314 -11.04 2.80 5.80
C ILE B 314 -11.00 4.27 5.44
N ILE B 315 -12.15 4.92 5.44
CA ILE B 315 -12.24 6.34 5.08
C ILE B 315 -12.83 7.11 6.25
N THR B 316 -12.04 8.03 6.79
CA THR B 316 -12.47 8.94 7.85
C THR B 316 -11.82 10.30 7.64
N GLU B 317 -12.27 11.27 8.42
CA GLU B 317 -11.71 12.61 8.38
C GLU B 317 -10.35 12.61 9.07
N GLU B 318 -9.44 13.41 8.52
CA GLU B 318 -8.12 13.52 9.10
C GLU B 318 -8.23 14.01 10.55
N PRO B 319 -7.67 13.31 11.52
CA PRO B 319 -7.79 13.73 12.91
C PRO B 319 -7.01 15.01 13.18
N GLU B 320 -7.45 15.72 14.22
CA GLU B 320 -6.83 16.98 14.63
C GLU B 320 -5.34 16.77 14.83
N ILE B 321 -4.57 17.85 14.67
CA ILE B 321 -3.13 17.77 14.86
C ILE B 321 -2.83 17.23 16.26
N GLY B 322 -1.77 16.43 16.35
CA GLY B 322 -1.40 15.79 17.60
C GLY B 322 -2.24 14.58 17.99
N ASN B 323 -3.29 14.28 17.24
CA ASN B 323 -4.09 13.08 17.49
C ASN B 323 -3.51 11.94 16.67
N ILE B 324 -2.94 10.96 17.35
CA ILE B 324 -2.28 9.85 16.70
C ILE B 324 -3.13 8.59 16.71
N GLU B 325 -4.38 8.68 17.14
CA GLU B 325 -5.27 7.53 17.17
C GLU B 325 -5.55 7.01 15.76
N LYS B 326 -5.58 5.72 15.61
CA LYS B 326 -5.96 5.07 14.37
C LYS B 326 -7.44 4.72 14.41
N PRO B 327 -8.11 4.65 13.26
CA PRO B 327 -9.56 4.40 13.26
C PRO B 327 -9.92 3.06 13.91
N VAL B 328 -10.87 3.12 14.85
CA VAL B 328 -11.37 1.92 15.49
C VAL B 328 -11.89 0.89 14.49
N GLU B 329 -12.29 1.33 13.29
CA GLU B 329 -12.74 0.38 12.28
C GLU B 329 -11.74 -0.76 12.04
N ILE B 330 -10.45 -0.52 12.27
CA ILE B 330 -9.49 -1.61 12.08
C ILE B 330 -9.85 -2.80 12.97
N PHE B 331 -10.37 -2.53 14.18
CA PHE B 331 -10.74 -3.61 15.07
C PHE B 331 -11.90 -4.42 14.52
N HIS B 332 -12.87 -3.75 13.87
CA HIS B 332 -13.99 -4.47 13.28
C HIS B 332 -13.51 -5.36 12.14
N ILE B 333 -12.64 -4.84 11.28
CA ILE B 333 -12.09 -5.66 10.20
C ILE B 333 -11.41 -6.91 10.77
N ILE B 334 -10.52 -6.72 11.75
CA ILE B 334 -9.79 -7.84 12.33
C ILE B 334 -10.76 -8.84 12.94
N GLU B 335 -11.73 -8.34 13.74
CA GLU B 335 -12.61 -9.25 14.45
C GLU B 335 -13.56 -9.97 13.49
N HIS B 336 -13.97 -9.33 12.38
CA HIS B 336 -14.82 -10.02 11.40
C HIS B 336 -14.09 -11.14 10.67
N PHE B 337 -12.76 -11.17 10.71
CA PHE B 337 -12.00 -12.28 10.12
C PHE B 337 -12.16 -13.59 10.88
N CYS B 338 -12.56 -13.56 12.16
CA CYS B 338 -12.75 -14.79 12.96
C CYS B 338 -11.48 -15.63 13.05
N LEU B 339 -10.36 -15.00 13.45
CA LEU B 339 -9.03 -15.60 13.40
C LEU B 339 -8.58 -16.28 14.69
N GLY B 340 -9.39 -16.22 15.74
CA GLY B 340 -8.95 -16.67 17.05
C GLY B 340 -9.21 -15.61 18.10
N ARG B 341 -9.02 -16.01 19.34
CA ARG B 341 -9.43 -15.20 20.46
C ARG B 341 -8.27 -14.63 21.27
N ARG B 342 -7.04 -15.13 21.06
CA ARG B 342 -5.85 -14.58 21.71
C ARG B 342 -5.37 -13.44 20.83
N ARG B 343 -5.73 -12.21 21.21
CA ARG B 343 -5.49 -11.02 20.41
C ARG B 343 -4.68 -10.03 21.21
N LEU B 344 -3.58 -9.57 20.64
CA LEU B 344 -2.62 -8.70 21.31
C LEU B 344 -2.49 -7.40 20.53
N HIS B 345 -2.63 -6.29 21.24
CA HIS B 345 -2.43 -4.95 20.68
C HIS B 345 -1.20 -4.35 21.35
N LEU B 346 -0.10 -4.30 20.62
CA LEU B 346 1.12 -3.73 21.18
C LEU B 346 1.14 -2.24 20.87
N PHE B 347 1.56 -1.45 21.86
CA PHE B 347 1.53 0.01 21.84
C PHE B 347 0.10 0.55 21.79
N GLY B 348 -0.87 -0.21 22.27
CA GLY B 348 -2.18 0.32 22.58
C GLY B 348 -2.11 1.27 23.75
N ARG B 349 -3.25 1.88 24.06
CA ARG B 349 -3.34 2.92 25.08
C ARG B 349 -4.58 2.72 25.92
N ASP B 350 -4.66 3.48 27.03
CA ASP B 350 -5.88 3.49 27.82
C ASP B 350 -7.10 3.64 26.92
N SER B 351 -7.00 4.52 25.92
CA SER B 351 -8.11 4.81 25.01
C SER B 351 -8.41 3.70 24.01
N THR B 352 -7.57 2.65 23.92
CA THR B 352 -7.81 1.60 22.92
C THR B 352 -8.19 0.27 23.56
N ILE B 353 -8.20 0.20 24.89
CA ILE B 353 -8.53 -1.05 25.55
C ILE B 353 -9.93 -1.49 25.15
N ARG B 354 -10.10 -2.79 24.97
CA ARG B 354 -11.23 -3.27 24.24
C ARG B 354 -11.51 -4.70 24.63
N PRO B 355 -12.78 -5.11 24.75
CA PRO B 355 -13.06 -6.52 25.04
C PRO B 355 -12.47 -7.43 23.97
N GLY B 356 -12.04 -8.61 24.41
CA GLY B 356 -11.44 -9.57 23.51
C GLY B 356 -9.99 -9.30 23.14
N TRP B 357 -9.36 -8.30 23.74
CA TRP B 357 -8.01 -7.89 23.40
C TRP B 357 -7.17 -7.74 24.66
N LEU B 358 -5.90 -8.14 24.54
CA LEU B 358 -4.85 -7.82 25.50
C LEU B 358 -4.04 -6.65 24.96
N THR B 359 -4.04 -5.54 25.69
CA THR B 359 -3.36 -4.30 25.31
C THR B 359 -2.09 -4.15 26.13
N VAL B 360 -0.96 -3.92 25.45
CA VAL B 360 0.33 -3.76 26.13
C VAL B 360 0.99 -2.49 25.60
N GLY B 361 1.37 -1.59 26.50
CA GLY B 361 2.01 -0.38 26.05
C GLY B 361 2.60 0.44 27.16
N PRO B 362 3.46 1.40 26.80
CA PRO B 362 4.16 2.18 27.83
C PRO B 362 3.28 3.19 28.55
N THR B 363 2.20 3.67 27.93
CA THR B 363 1.43 4.77 28.50
C THR B 363 0.22 4.31 29.30
N LEU B 364 -0.05 3.01 29.36
CA LEU B 364 -1.18 2.54 30.15
C LEU B 364 -1.00 2.97 31.59
N THR B 365 -2.08 3.44 32.21
CA THR B 365 -2.00 3.96 33.56
C THR B 365 -2.27 2.87 34.61
N ASN B 366 -2.95 1.80 34.22
CA ASN B 366 -3.24 0.67 35.09
C ASN B 366 -2.98 -0.61 34.31
N SER B 367 -2.82 -1.71 35.07
CA SER B 367 -2.69 -3.06 34.54
C SER B 367 -3.63 -4.01 35.27
N ASN B 368 -4.05 -5.07 34.58
CA ASN B 368 -4.77 -6.16 35.24
C ASN B 368 -4.27 -7.50 34.72
N TYR B 369 -3.17 -7.50 33.96
CA TYR B 369 -2.73 -8.70 33.27
C TYR B 369 -2.17 -9.71 34.25
N ASN B 370 -2.59 -10.96 34.09
CA ASN B 370 -2.02 -12.09 34.81
C ASN B 370 -1.95 -13.25 33.83
N ALA B 371 -0.74 -13.80 33.62
CA ALA B 371 -0.54 -14.78 32.57
C ALA B 371 -1.39 -16.03 32.78
N GLU B 372 -1.53 -16.45 34.03
CA GLU B 372 -2.32 -17.64 34.34
C GLU B 372 -3.81 -17.38 34.22
N THR B 373 -4.26 -16.21 34.68
CA THR B 373 -5.65 -15.80 34.41
C THR B 373 -5.90 -15.70 32.91
N TYR B 374 -5.01 -15.02 32.16
CA TYR B 374 -5.18 -14.90 30.73
C TYR B 374 -5.29 -16.26 30.05
N ALA B 375 -4.34 -17.16 30.36
CA ALA B 375 -4.34 -18.48 29.72
C ALA B 375 -5.63 -19.24 29.99
N SER B 376 -6.19 -19.07 31.18
CA SER B 376 -7.37 -19.85 31.54
C SER B 376 -8.59 -19.48 30.69
N TYR B 377 -8.56 -18.34 29.98
CA TYR B 377 -9.66 -18.06 29.05
C TYR B 377 -9.64 -18.99 27.84
N PHE B 378 -8.51 -19.64 27.56
CA PHE B 378 -8.35 -20.42 26.34
C PHE B 378 -8.10 -21.89 26.68
N SER B 379 -8.27 -22.27 27.94
CA SER B 379 -8.21 -23.66 28.34
C SER B 379 -9.36 -24.45 27.68
N ALA B 380 -9.15 -25.75 27.53
CA ALA B 380 -10.15 -26.64 26.97
C ALA B 380 -11.50 -26.46 27.66
N PRO B 381 -12.61 -26.45 26.92
CA PRO B 381 -12.82 -26.76 25.50
C PRO B 381 -12.63 -25.57 24.53
N ASN B 382 -12.06 -24.45 24.99
CA ASN B 382 -12.12 -23.20 24.25
C ASN B 382 -10.84 -22.93 23.46
N SER B 383 -10.02 -23.96 23.25
CA SER B 383 -8.65 -23.79 22.78
C SER B 383 -8.59 -23.31 21.33
N TYR B 384 -9.63 -23.58 20.55
CA TYR B 384 -9.56 -23.39 19.12
C TYR B 384 -10.68 -22.52 18.58
N LEU B 385 -11.44 -21.85 19.46
CA LEU B 385 -12.57 -21.06 19.02
C LEU B 385 -12.11 -19.94 18.08
N THR B 386 -12.96 -19.65 17.09
CA THR B 386 -12.67 -18.60 16.13
C THR B 386 -12.91 -17.21 16.69
N GLY B 387 -13.71 -17.07 17.74
CA GLY B 387 -14.19 -15.79 18.16
C GLY B 387 -15.52 -15.37 17.55
N CYS B 388 -16.04 -16.17 16.61
CA CYS B 388 -17.32 -15.89 15.95
C CYS B 388 -18.36 -16.97 16.21
N THR B 389 -18.13 -17.87 17.15
CA THR B 389 -19.09 -18.95 17.41
C THR B 389 -19.59 -18.86 18.85
N GLU B 390 -20.62 -19.66 19.14
CA GLU B 390 -21.22 -19.68 20.46
C GLU B 390 -20.25 -20.24 21.49
N GLU B 391 -20.40 -19.80 22.74
CA GLU B 391 -19.62 -20.37 23.83
C GLU B 391 -20.00 -21.84 24.04
N ILE B 392 -19.02 -22.62 24.49
CA ILE B 392 -19.24 -24.04 24.76
C ILE B 392 -19.96 -24.18 26.10
N GLU B 393 -21.06 -24.93 26.10
CA GLU B 393 -21.90 -25.05 27.29
C GLU B 393 -21.18 -25.77 28.43
N ARG B 394 -21.41 -25.30 29.66
CA ARG B 394 -20.77 -25.83 30.86
C ARG B 394 -21.83 -26.25 31.88
N LEU B 395 -21.34 -26.85 32.97
CA LEU B 395 -22.13 -27.44 34.08
C LEU B 395 -23.58 -27.84 33.73
C13 NWZ C . -0.25 -5.11 -21.94
C17 NWZ C . -0.86 -5.52 -17.31
C20 NWZ C . -3.69 -5.24 -16.66
C21 NWZ C . -3.09 -4.68 -17.96
C02 NWZ C . 5.71 -7.62 -24.18
C03 NWZ C . 4.44 -7.73 -23.70
C05 NWZ C . 2.45 -8.26 -22.72
C07 NWZ C . 1.29 -6.19 -23.39
C08 NWZ C . -0.02 -6.87 -23.44
C09 NWZ C . -0.95 -5.81 -23.03
C14 NWZ C . -0.69 -5.76 -20.69
C16 NWZ C . -1.91 -5.52 -18.41
C18 NWZ C . -1.55 -5.98 -15.96
C23 NWZ C . 3.56 -6.66 -23.94
C25 NWZ C . 5.22 -5.51 -25.12
N01 NWZ C . 6.65 -8.65 -23.94
N04 NWZ C . 3.70 -8.72 -22.89
N06 NWZ C . 2.41 -7.04 -23.35
N15 NWZ C . -1.40 -4.93 -19.67
N19 NWZ C . -2.71 -5.17 -15.62
N24 NWZ C . 3.94 -5.57 -24.65
N26 NWZ C . 6.08 -6.52 -24.89
O10 NWZ C . -1.12 -4.83 -24.10
O11 NWZ C . -0.22 -7.32 -24.81
O12 NWZ C . 1.22 -5.38 -22.11
O22 NWZ C . -0.50 -6.92 -20.53
C ACT D . 5.96 -10.17 2.11
O ACT D . 5.04 -11.01 2.07
OXT ACT D . 7.03 -10.19 1.48
CH3 ACT D . 5.78 -8.93 3.08
#